data_7SCS
#
_entry.id   7SCS
#
_cell.length_a   75.028
_cell.length_b   75.028
_cell.length_c   66.936
_cell.angle_alpha   90.000
_cell.angle_beta   90.000
_cell.angle_gamma   90.000
#
_symmetry.space_group_name_H-M   'P 43 21 2'
#
loop_
_entity.id
_entity.type
_entity.pdbx_description
1 polymer 'Evasin P1243'
2 polymer Eotaxin
3 water water
#
loop_
_entity_poly.entity_id
_entity_poly.type
_entity_poly.pdbx_seq_one_letter_code
_entity_poly.pdbx_strand_id
1 'polypeptide(L)'
;GSARNHTEDNSTEYYDYEEARCACPARHLNNTNGTVLKLLGCHYFCNGTLCTAPDGYPCYNLTAQQVRTLTTYPNTSCAV
GVCMKGTCVKNGTMEQCFKTP
;
A
2 'polypeptide(L)' GPASVPTTCCFNLANRKIPLQRLESYRRITSGKCPQKAVIFKTKLAKDICADPKKKWVQDSMKYLDQKSPTPKP B
#
# COMPACT_ATOMS: atom_id res chain seq x y z
N TYR A 15 -8.80 9.62 -20.44
CA TYR A 15 -8.32 8.89 -19.26
C TYR A 15 -9.32 8.99 -18.12
N ASP A 16 -9.56 7.86 -17.45
CA ASP A 16 -10.51 7.81 -16.33
C ASP A 16 -9.76 8.02 -15.03
N TYR A 17 -9.70 9.29 -14.59
CA TYR A 17 -9.11 9.59 -13.30
C TYR A 17 -9.91 8.99 -12.15
N GLU A 18 -11.24 8.98 -12.30
CA GLU A 18 -12.09 8.52 -11.20
C GLU A 18 -11.89 7.02 -10.94
N GLU A 19 -11.71 6.25 -12.01
CA GLU A 19 -11.47 4.82 -11.85
C GLU A 19 -10.15 4.53 -11.15
N ALA A 20 -9.15 5.40 -11.31
CA ALA A 20 -7.83 5.17 -10.75
C ALA A 20 -7.56 5.98 -9.48
N ARG A 21 -8.59 6.62 -8.92
CA ARG A 21 -8.39 7.57 -7.83
C ARG A 21 -7.71 6.95 -6.61
N CYS A 22 -7.89 5.65 -6.40
CA CYS A 22 -7.41 5.02 -5.17
C CYS A 22 -6.25 4.06 -5.42
N ALA A 23 -5.65 4.13 -6.60
CA ALA A 23 -4.50 3.28 -6.94
C ALA A 23 -3.18 3.85 -6.44
N CYS A 24 -3.18 4.51 -5.36
CA CYS A 24 -1.92 5.02 -4.84
C CYS A 24 -1.42 4.11 -3.73
N PRO A 25 -0.12 4.05 -3.50
CA PRO A 25 0.40 3.19 -2.42
C PRO A 25 0.15 3.84 -1.06
N ALA A 26 0.37 3.04 -0.03
CA ALA A 26 0.19 3.52 1.33
C ALA A 26 1.25 2.96 2.25
N ARG A 27 1.62 3.78 3.24
CA ARG A 27 2.54 3.37 4.28
C ARG A 27 1.90 2.25 5.09
N HIS A 28 2.64 1.16 5.28
CA HIS A 28 2.18 0.03 6.08
C HIS A 28 2.96 -0.04 7.38
N LEU A 29 2.51 -0.91 8.28
CA LEU A 29 3.20 -1.21 9.52
C LEU A 29 3.88 -2.57 9.41
N ASN A 30 5.14 -2.63 9.84
CA ASN A 30 5.91 -3.85 9.95
C ASN A 30 5.70 -4.44 11.34
N ASN A 31 6.36 -5.56 11.58
CA ASN A 31 6.27 -6.26 12.85
C ASN A 31 7.57 -7.02 13.04
N THR A 32 7.84 -7.40 14.28
CA THR A 32 8.97 -8.27 14.53
C THR A 32 8.58 -9.74 14.48
N ASN A 33 7.52 -10.08 13.73
CA ASN A 33 6.91 -11.39 13.80
C ASN A 33 7.09 -12.20 12.52
N GLY A 34 7.68 -11.61 11.47
CA GLY A 34 7.93 -12.34 10.25
C GLY A 34 6.74 -12.54 9.34
N THR A 35 5.70 -11.72 9.47
CA THR A 35 4.54 -11.81 8.60
C THR A 35 4.46 -10.54 7.76
N VAL A 36 3.49 -10.52 6.85
CA VAL A 36 3.40 -9.43 5.92
C VAL A 36 3.18 -8.11 6.66
N LEU A 37 3.60 -7.04 5.99
CA LEU A 37 3.20 -5.69 6.36
C LEU A 37 1.68 -5.56 6.30
N LYS A 38 1.14 -4.68 7.14
CA LYS A 38 -0.30 -4.55 7.26
C LYS A 38 -0.66 -3.08 7.39
N LEU A 39 -1.89 -2.74 7.00
CA LEU A 39 -2.33 -1.35 7.08
C LEU A 39 -2.74 -1.00 8.50
N LEU A 40 -2.51 0.24 8.90
CA LEU A 40 -3.11 0.74 10.14
C LEU A 40 -4.58 1.03 9.87
N GLY A 41 -5.47 0.24 10.48
CA GLY A 41 -6.85 0.43 10.11
C GLY A 41 -7.11 0.01 8.66
N CYS A 42 -8.21 0.49 8.12
CA CYS A 42 -8.63 0.06 6.79
C CYS A 42 -8.82 1.21 5.82
N HIS A 43 -8.27 2.38 6.10
CA HIS A 43 -8.44 3.51 5.23
C HIS A 43 -7.10 4.16 4.95
N TYR A 44 -7.06 4.92 3.85
CA TYR A 44 -5.85 5.61 3.46
C TYR A 44 -6.26 6.78 2.58
N PHE A 45 -5.41 7.80 2.50
CA PHE A 45 -5.64 8.91 1.58
C PHE A 45 -4.83 8.77 0.31
N CYS A 46 -5.46 9.13 -0.80
CA CYS A 46 -4.78 9.30 -2.09
C CYS A 46 -5.07 10.72 -2.54
N ASN A 47 -4.02 11.54 -2.67
CA ASN A 47 -4.18 12.93 -3.05
C ASN A 47 -5.18 13.64 -2.13
N GLY A 48 -5.17 13.26 -0.85
CA GLY A 48 -6.04 13.88 0.12
C GLY A 48 -7.47 13.40 0.12
N THR A 49 -7.80 12.38 -0.69
CA THR A 49 -9.14 11.84 -0.76
C THR A 49 -9.20 10.45 -0.13
N LEU A 50 -10.33 10.14 0.50
CA LEU A 50 -10.47 8.92 1.27
C LEU A 50 -10.60 7.70 0.38
N CYS A 51 -9.83 6.65 0.71
CA CYS A 51 -9.90 5.37 0.05
C CYS A 51 -10.01 4.30 1.12
N THR A 52 -10.61 3.17 0.76
CA THR A 52 -10.85 2.06 1.66
C THR A 52 -10.10 0.84 1.13
N ALA A 53 -9.38 0.17 2.03
CA ALA A 53 -8.68 -1.06 1.66
C ALA A 53 -9.69 -2.13 1.26
N PRO A 54 -9.30 -3.05 0.38
CA PRO A 54 -10.24 -4.09 -0.04
C PRO A 54 -10.58 -5.05 1.09
N ASP A 55 -11.76 -5.65 0.98
CA ASP A 55 -12.20 -6.62 1.98
C ASP A 55 -11.18 -7.76 2.05
N GLY A 56 -10.78 -8.13 3.28
CA GLY A 56 -9.82 -9.18 3.50
C GLY A 56 -8.38 -8.69 3.64
N TYR A 57 -8.12 -7.42 3.41
CA TYR A 57 -6.76 -6.91 3.49
C TYR A 57 -6.26 -6.95 4.94
N PRO A 58 -4.99 -7.29 5.18
CA PRO A 58 -4.50 -7.37 6.57
C PRO A 58 -4.35 -6.01 7.19
N CYS A 59 -4.71 -5.91 8.47
CA CYS A 59 -4.66 -4.62 9.13
C CYS A 59 -4.29 -4.80 10.60
N TYR A 60 -3.95 -3.68 11.23
CA TYR A 60 -3.80 -3.60 12.67
C TYR A 60 -4.90 -2.71 13.23
N ASN A 61 -5.51 -3.18 14.31
CA ASN A 61 -6.53 -2.44 15.05
C ASN A 61 -5.90 -1.98 16.36
N LEU A 62 -5.51 -0.72 16.42
CA LEU A 62 -4.87 -0.16 17.60
C LEU A 62 -5.86 0.67 18.42
N THR A 63 -5.66 0.69 19.72
CA THR A 63 -6.49 1.54 20.57
C THR A 63 -6.13 3.01 20.39
N ALA A 64 -7.05 3.88 20.83
CA ALA A 64 -6.75 5.30 20.78
C ALA A 64 -5.52 5.65 21.61
N GLN A 65 -5.30 4.96 22.72
CA GLN A 65 -4.09 5.20 23.50
C GLN A 65 -2.85 4.77 22.72
N GLN A 66 -2.92 3.60 22.06
CA GLN A 66 -1.75 3.07 21.36
C GLN A 66 -1.32 3.95 20.20
N VAL A 67 -2.28 4.51 19.44
CA VAL A 67 -1.90 5.21 18.22
C VAL A 67 -1.11 6.48 18.54
N ARG A 68 -1.29 7.06 19.74
N ARG A 68 -1.30 7.07 19.74
CA ARG A 68 -0.52 8.24 20.12
CA ARG A 68 -0.55 8.25 20.16
C ARG A 68 0.96 7.97 20.16
C ARG A 68 0.94 7.99 20.32
N THR A 69 1.35 6.73 20.44
CA THR A 69 2.74 6.39 20.63
C THR A 69 3.22 5.37 19.60
N LEU A 70 2.55 5.33 18.45
CA LEU A 70 2.98 4.49 17.33
C LEU A 70 4.11 5.21 16.60
N THR A 71 5.27 4.58 16.55
CA THR A 71 6.46 5.17 15.94
C THR A 71 7.10 4.14 15.02
N THR A 72 8.35 4.36 14.63
CA THR A 72 9.05 3.38 13.79
C THR A 72 9.73 2.27 14.60
N TYR A 73 9.47 2.19 15.91
CA TYR A 73 9.92 1.07 16.73
C TYR A 73 8.74 0.53 17.52
N PRO A 74 8.70 -0.77 17.77
CA PRO A 74 7.59 -1.36 18.53
C PRO A 74 7.54 -0.83 19.95
N ASN A 75 6.38 -0.98 20.57
CA ASN A 75 6.16 -0.46 21.92
C ASN A 75 5.30 -1.45 22.71
N THR A 76 4.06 -1.67 22.29
CA THR A 76 3.21 -2.68 22.92
C THR A 76 2.57 -3.56 21.84
N SER A 77 1.82 -4.56 22.27
CA SER A 77 1.27 -5.55 21.34
C SER A 77 0.11 -4.98 20.53
N CYS A 78 0.09 -5.31 19.24
CA CYS A 78 -0.86 -4.78 18.28
C CYS A 78 -1.81 -5.89 17.82
N ALA A 79 -3.11 -5.62 17.86
CA ALA A 79 -4.11 -6.59 17.40
C ALA A 79 -4.16 -6.67 15.88
N VAL A 80 -3.93 -7.87 15.34
CA VAL A 80 -4.09 -8.13 13.91
C VAL A 80 -5.56 -8.25 13.58
N GLY A 81 -5.92 -7.84 12.37
CA GLY A 81 -7.25 -8.12 11.87
C GLY A 81 -7.29 -8.19 10.35
N VAL A 82 -8.51 -8.22 9.83
CA VAL A 82 -8.74 -8.13 8.39
C VAL A 82 -9.79 -7.06 8.15
N CYS A 83 -9.66 -6.38 7.01
CA CYS A 83 -10.60 -5.33 6.64
C CYS A 83 -11.94 -5.91 6.19
N MET A 84 -13.02 -5.37 6.74
CA MET A 84 -14.37 -5.82 6.41
C MET A 84 -15.22 -4.55 6.29
N LYS A 85 -15.54 -4.16 5.06
CA LYS A 85 -16.30 -2.93 4.79
C LYS A 85 -15.72 -1.74 5.57
N GLY A 86 -14.40 -1.60 5.54
CA GLY A 86 -13.73 -0.47 6.13
C GLY A 86 -13.46 -0.56 7.62
N THR A 87 -13.79 -1.68 8.27
CA THR A 87 -13.49 -1.88 9.68
C THR A 87 -12.42 -2.95 9.82
N CYS A 88 -11.40 -2.69 10.65
CA CYS A 88 -10.36 -3.70 10.90
C CYS A 88 -10.87 -4.61 11.99
N VAL A 89 -11.32 -5.81 11.60
CA VAL A 89 -11.92 -6.76 12.53
C VAL A 89 -10.84 -7.68 13.06
N LYS A 90 -10.70 -7.73 14.38
CA LYS A 90 -9.62 -8.46 15.02
C LYS A 90 -9.80 -9.97 14.85
N ASN A 91 -8.68 -10.67 14.68
CA ASN A 91 -8.72 -12.13 14.53
C ASN A 91 -8.08 -12.88 15.69
N GLY A 92 -7.62 -12.19 16.72
CA GLY A 92 -7.06 -12.82 17.90
C GLY A 92 -5.55 -12.82 17.97
N THR A 93 -4.89 -12.70 16.83
CA THR A 93 -3.44 -12.68 16.79
C THR A 93 -2.91 -11.32 17.20
N MET A 94 -1.80 -11.32 17.94
CA MET A 94 -1.11 -10.12 18.38
C MET A 94 0.29 -10.10 17.79
N GLU A 95 0.74 -8.93 17.33
CA GLU A 95 2.10 -8.77 16.79
C GLU A 95 2.71 -7.49 17.36
N GLN A 96 4.04 -7.40 17.33
CA GLN A 96 4.70 -6.19 17.82
C GLN A 96 4.97 -5.31 16.61
N CYS A 97 4.03 -4.40 16.36
CA CYS A 97 4.02 -3.64 15.12
C CYS A 97 4.67 -2.28 15.29
N PHE A 98 5.09 -1.73 14.15
CA PHE A 98 5.74 -0.42 14.12
C PHE A 98 5.68 0.13 12.70
N LYS A 99 5.82 1.43 12.58
CA LYS A 99 5.80 2.07 11.26
C LYS A 99 7.06 1.74 10.48
N THR A 100 6.90 1.47 9.18
CA THR A 100 8.06 1.51 8.31
C THR A 100 8.55 2.97 8.20
N PRO A 101 9.85 3.17 7.97
CA PRO A 101 10.41 4.53 7.93
C PRO A 101 9.81 5.41 6.83
N SER B 4 15.35 -2.98 2.28
CA SER B 4 14.82 -4.28 1.90
C SER B 4 13.34 -4.42 2.22
N VAL B 5 12.86 -3.65 3.19
CA VAL B 5 11.45 -3.63 3.57
C VAL B 5 10.81 -2.44 2.87
N PRO B 6 9.80 -2.65 2.01
CA PRO B 6 9.19 -1.52 1.30
C PRO B 6 8.58 -0.51 2.25
N THR B 7 8.78 0.77 1.93
CA THR B 7 8.22 1.84 2.75
C THR B 7 6.77 2.17 2.38
N THR B 8 6.27 1.63 1.27
CA THR B 8 4.85 1.65 0.95
C THR B 8 4.51 0.35 0.25
N CYS B 9 3.25 -0.05 0.35
CA CYS B 9 2.75 -1.20 -0.38
C CYS B 9 1.49 -0.80 -1.13
N CYS B 10 1.20 -1.60 -2.15
CA CYS B 10 0.05 -1.39 -3.02
C CYS B 10 -1.04 -2.40 -2.71
N PHE B 11 -2.25 -1.90 -2.59
CA PHE B 11 -3.48 -2.62 -2.37
C PHE B 11 -4.68 -2.16 -3.18
N ASN B 12 -4.46 -1.31 -4.17
CA ASN B 12 -5.45 -1.05 -5.21
C ASN B 12 -4.66 -0.81 -6.49
N LEU B 13 -4.82 -1.69 -7.47
CA LEU B 13 -4.00 -1.64 -8.68
C LEU B 13 -4.77 -1.00 -9.83
N ALA B 14 -4.14 -0.05 -10.51
CA ALA B 14 -4.78 0.63 -11.63
C ALA B 14 -4.95 -0.34 -12.79
N ASN B 15 -6.19 -0.57 -13.19
CA ASN B 15 -6.45 -1.52 -14.27
C ASN B 15 -6.26 -0.89 -15.64
N ARG B 16 -6.58 0.39 -15.79
CA ARG B 16 -6.53 1.03 -17.09
C ARG B 16 -5.19 1.70 -17.33
N LYS B 17 -4.76 1.65 -18.59
CA LYS B 17 -3.50 2.19 -19.05
C LYS B 17 -3.30 3.66 -18.69
N ILE B 18 -2.12 3.98 -18.16
CA ILE B 18 -1.68 5.36 -17.96
C ILE B 18 -0.95 5.83 -19.22
N PRO B 19 -1.31 6.95 -19.82
CA PRO B 19 -0.60 7.43 -21.02
C PRO B 19 0.90 7.56 -20.78
N LEU B 20 1.67 7.07 -21.76
CA LEU B 20 3.12 7.08 -21.64
C LEU B 20 3.67 8.48 -21.38
N GLN B 21 3.05 9.50 -21.99
CA GLN B 21 3.52 10.87 -21.84
C GLN B 21 3.43 11.37 -20.40
N ARG B 22 2.62 10.74 -19.56
CA ARG B 22 2.49 11.13 -18.16
C ARG B 22 3.52 10.48 -17.25
N LEU B 23 4.28 9.51 -17.75
CA LEU B 23 5.11 8.68 -16.89
C LEU B 23 6.51 9.27 -16.78
N GLU B 24 7.05 9.25 -15.56
CA GLU B 24 8.42 9.68 -15.33
C GLU B 24 9.35 8.53 -14.99
N SER B 25 8.93 7.62 -14.11
CA SER B 25 9.81 6.53 -13.70
C SER B 25 8.95 5.42 -13.12
N TYR B 26 9.61 4.32 -12.73
CA TYR B 26 8.89 3.25 -12.05
C TYR B 26 9.83 2.55 -11.07
N ARG B 27 9.22 1.83 -10.13
CA ARG B 27 9.93 0.89 -9.28
C ARG B 27 9.07 -0.35 -9.09
N ARG B 28 9.71 -1.49 -8.89
CA ARG B 28 9.02 -2.76 -8.75
C ARG B 28 8.95 -3.09 -7.26
N ILE B 29 7.78 -3.46 -6.78
CA ILE B 29 7.58 -3.87 -5.40
C ILE B 29 7.45 -5.38 -5.49
N THR B 30 8.57 -6.08 -5.22
CA THR B 30 8.67 -7.52 -5.37
C THR B 30 8.82 -8.26 -4.05
N SER B 31 8.98 -7.53 -2.93
CA SER B 31 9.15 -8.15 -1.63
C SER B 31 7.95 -9.01 -1.27
N GLY B 32 8.23 -10.23 -0.81
CA GLY B 32 7.16 -11.04 -0.29
C GLY B 32 6.57 -10.59 1.03
N LYS B 33 7.10 -9.50 1.56
CA LYS B 33 6.65 -8.85 2.79
C LYS B 33 5.47 -7.88 2.53
N CYS B 34 5.27 -7.35 1.31
CA CYS B 34 4.02 -6.65 1.03
C CYS B 34 2.90 -7.65 0.77
N PRO B 35 1.66 -7.33 1.15
CA PRO B 35 0.57 -8.29 0.87
C PRO B 35 0.38 -8.61 -0.59
N GLN B 36 0.71 -7.70 -1.50
CA GLN B 36 0.67 -8.03 -2.91
C GLN B 36 1.76 -7.29 -3.67
N LYS B 37 2.25 -7.94 -4.74
CA LYS B 37 3.31 -7.37 -5.55
C LYS B 37 2.73 -6.33 -6.51
N ALA B 38 3.56 -5.36 -6.88
CA ALA B 38 3.05 -4.29 -7.72
C ALA B 38 4.19 -3.61 -8.46
N VAL B 39 3.84 -2.84 -9.48
CA VAL B 39 4.73 -1.85 -10.07
C VAL B 39 4.20 -0.49 -9.64
N ILE B 40 5.08 0.38 -9.18
CA ILE B 40 4.68 1.75 -8.85
C ILE B 40 5.26 2.68 -9.91
N PHE B 41 4.36 3.32 -10.66
CA PHE B 41 4.75 4.34 -11.61
C PHE B 41 4.75 5.69 -10.93
N LYS B 42 5.78 6.48 -11.18
CA LYS B 42 5.80 7.87 -10.76
C LYS B 42 5.54 8.73 -11.98
N THR B 43 4.52 9.59 -11.88
CA THR B 43 4.13 10.48 -12.96
C THR B 43 4.93 11.78 -12.93
N LYS B 44 4.76 12.56 -13.99
CA LYS B 44 5.48 13.84 -14.05
C LYS B 44 4.98 14.82 -13.01
N LEU B 45 3.76 14.63 -12.51
CA LEU B 45 3.28 15.42 -11.38
C LEU B 45 3.76 14.87 -10.03
N ALA B 46 4.67 13.88 -10.07
CA ALA B 46 5.25 13.27 -8.88
C ALA B 46 4.23 12.51 -8.04
N LYS B 47 3.19 11.98 -8.67
CA LYS B 47 2.27 11.07 -8.00
C LYS B 47 2.65 9.62 -8.30
N ASP B 48 2.39 8.75 -7.32
CA ASP B 48 2.64 7.32 -7.48
C ASP B 48 1.35 6.57 -7.75
N ILE B 49 1.39 5.70 -8.75
CA ILE B 49 0.24 4.94 -9.20
C ILE B 49 0.62 3.48 -9.22
N CYS B 50 -0.14 2.66 -8.48
CA CYS B 50 0.09 1.23 -8.40
C CYS B 50 -0.54 0.51 -9.59
N ALA B 51 0.17 -0.47 -10.12
CA ALA B 51 -0.28 -1.20 -11.29
C ALA B 51 0.13 -2.66 -11.18
N ASP B 52 -0.61 -3.52 -11.87
CA ASP B 52 -0.39 -4.98 -11.82
C ASP B 52 0.72 -5.36 -12.79
N PRO B 53 1.82 -5.96 -12.33
CA PRO B 53 2.90 -6.33 -13.26
C PRO B 53 2.46 -7.36 -14.29
N LYS B 54 1.24 -7.90 -14.20
CA LYS B 54 0.81 -8.93 -15.14
C LYS B 54 0.07 -8.40 -16.36
N LYS B 55 -0.28 -7.11 -16.39
CA LYS B 55 -0.87 -6.47 -17.57
C LYS B 55 0.18 -6.13 -18.63
N LYS B 56 -0.16 -6.35 -19.90
CA LYS B 56 0.76 -6.02 -20.99
C LYS B 56 1.13 -4.54 -20.99
N TRP B 57 0.18 -3.65 -20.70
CA TRP B 57 0.50 -2.23 -20.76
C TRP B 57 1.50 -1.87 -19.68
N VAL B 58 1.48 -2.56 -18.54
CA VAL B 58 2.44 -2.28 -17.48
C VAL B 58 3.84 -2.70 -17.92
N GLN B 59 3.96 -3.89 -18.51
CA GLN B 59 5.27 -4.36 -18.97
C GLN B 59 5.81 -3.46 -20.09
N ASP B 60 4.93 -3.03 -20.99
CA ASP B 60 5.35 -2.17 -22.08
C ASP B 60 5.76 -0.80 -21.58
N SER B 61 5.04 -0.26 -20.59
CA SER B 61 5.40 1.03 -20.04
C SER B 61 6.74 0.96 -19.34
N MET B 62 7.01 -0.17 -18.69
CA MET B 62 8.33 -0.36 -18.09
C MET B 62 9.41 -0.39 -19.15
N LYS B 63 9.18 -1.08 -20.27
CA LYS B 63 10.16 -1.09 -21.36
C LYS B 63 10.39 0.32 -21.91
N TYR B 64 9.31 1.07 -22.09
CA TYR B 64 9.40 2.44 -22.58
C TYR B 64 10.26 3.28 -21.64
N LEU B 65 9.99 3.20 -20.34
CA LEU B 65 10.76 4.01 -19.38
C LEU B 65 12.21 3.55 -19.30
N ASP B 66 12.46 2.25 -19.48
CA ASP B 66 13.84 1.77 -19.56
C ASP B 66 14.57 2.41 -20.73
N GLN B 67 13.87 2.66 -21.85
CA GLN B 67 14.50 3.33 -22.98
C GLN B 67 14.65 4.83 -22.79
N LYS B 68 13.93 5.42 -21.85
CA LYS B 68 13.89 6.88 -21.74
C LYS B 68 15.17 7.41 -21.09
#